data_9E4Q
#
_entry.id   9E4Q
#
_cell.length_a   46.140
_cell.length_b   85.500
_cell.length_c   120.675
_cell.angle_alpha   90.000
_cell.angle_beta   90.000
_cell.angle_gamma   90.000
#
_symmetry.space_group_name_H-M   'P 21 21 21'
#
loop_
_entity.id
_entity.type
_entity.pdbx_description
1 polymer 'Transcription factor ETV6,DARPin'
2 non-polymer 'SULFATE ION'
3 water water
#
_entity_poly.entity_id   1
_entity_poly.type   'polypeptide(L)'
_entity_poly.pdbx_seq_one_letter_code
;GSIRLPAHLRLQPIYWSRDDVAQWLKWAENEFSLRPIDSNTFEMNGKALLLLTKEDFRYRSPHSGDELYELLQHILKQRP
GGGGSTSIRLPAHLRLQPIYWSRDDVAQWLKWAENEFSLRPIDSNTFEMNGKALLLLTKEDFRYRSPHSGDVLYELLQHI
LKQRPGGGGSTSIRLPAHLRLQPIYWSRDDVAQWLKWAENEFSLRPIDSNTFEMNGKALLLLTKEDFRYRSPHSGDVLYE
LLQHILGGGDLGKKLLEAARAGQDDEVRILMANGADVNATDNDGYTPLHLAASNGHLEIVEVLLKNGADVNASDLTGITP
LHAAAATGHLEIVEVLLKHGADVNAYDNDGHTPLHLAAKYGHLEIVEVLLKHGADVNAQDKFGKTAFDISIDNGNEDLAE
ILQKLN
;
_entity_poly.pdbx_strand_id   A
#
loop_
_chem_comp.id
_chem_comp.type
_chem_comp.name
_chem_comp.formula
SO4 non-polymer 'SULFATE ION' 'O4 S -2'
#
# COMPACT_ATOMS: atom_id res chain seq x y z
N GLN A 12 -3.89 -39.16 12.89
CA GLN A 12 -4.06 -37.72 12.88
C GLN A 12 -3.81 -37.15 11.49
N PRO A 13 -4.52 -36.07 11.14
CA PRO A 13 -4.40 -35.52 9.79
C PRO A 13 -2.98 -35.14 9.41
N ILE A 14 -2.13 -34.82 10.39
CA ILE A 14 -0.74 -34.47 10.10
C ILE A 14 -0.07 -35.59 9.32
N TYR A 15 -0.43 -36.84 9.59
CA TYR A 15 0.16 -37.98 8.94
C TYR A 15 -0.51 -38.32 7.61
N TRP A 16 -1.56 -37.61 7.23
CA TRP A 16 -2.26 -37.94 5.98
C TRP A 16 -1.39 -37.60 4.77
N SER A 17 -1.63 -38.34 3.69
CA SER A 17 -0.99 -38.11 2.41
C SER A 17 -2.01 -37.57 1.42
N ARG A 18 -1.53 -37.23 0.23
CA ARG A 18 -2.43 -36.75 -0.82
C ARG A 18 -3.55 -37.74 -1.06
N ASP A 19 -3.23 -39.04 -1.00
CA ASP A 19 -4.27 -40.06 -1.07
C ASP A 19 -5.19 -39.99 0.15
N ASP A 20 -4.61 -39.82 1.34
CA ASP A 20 -5.42 -39.76 2.55
C ASP A 20 -6.30 -38.52 2.57
N VAL A 21 -5.76 -37.40 2.11
CA VAL A 21 -6.55 -36.18 2.03
C VAL A 21 -7.74 -36.37 1.10
N ALA A 22 -7.50 -37.01 -0.06
CA ALA A 22 -8.55 -37.16 -1.05
C ALA A 22 -9.66 -38.09 -0.56
N GLN A 23 -9.31 -39.14 0.18
CA GLN A 23 -10.35 -40.03 0.72
C GLN A 23 -11.22 -39.28 1.73
N TRP A 24 -10.61 -38.42 2.55
CA TRP A 24 -11.38 -37.62 3.48
C TRP A 24 -12.36 -36.70 2.75
N LEU A 25 -12.03 -36.31 1.52
CA LEU A 25 -12.93 -35.44 0.76
C LEU A 25 -14.15 -36.21 0.29
N LYS A 26 -13.95 -37.37 -0.34
CA LYS A 26 -15.08 -38.15 -0.82
C LYS A 26 -15.91 -38.68 0.33
N TRP A 27 -15.30 -38.90 1.49
CA TRP A 27 -16.07 -39.34 2.65
C TRP A 27 -17.03 -38.25 3.11
N ALA A 28 -16.52 -37.03 3.28
CA ALA A 28 -17.39 -35.93 3.68
C ALA A 28 -18.42 -35.63 2.60
N GLU A 29 -18.03 -35.76 1.32
CA GLU A 29 -18.97 -35.52 0.24
C GLU A 29 -20.20 -36.42 0.34
N ASN A 30 -20.03 -37.64 0.85
CA ASN A 30 -21.16 -38.53 1.08
C ASN A 30 -21.76 -38.35 2.47
N GLU A 31 -20.91 -38.18 3.47
CA GLU A 31 -21.39 -38.12 4.86
C GLU A 31 -22.25 -36.88 5.09
N PHE A 32 -21.82 -35.73 4.58
CA PHE A 32 -22.55 -34.48 4.72
C PHE A 32 -23.29 -34.08 3.46
N SER A 33 -23.24 -34.93 2.43
CA SER A 33 -23.94 -34.67 1.17
C SER A 33 -23.49 -33.34 0.58
N LEU A 34 -22.19 -33.11 0.61
CA LEU A 34 -21.63 -31.92 0.00
C LEU A 34 -21.66 -32.06 -1.52
N ARG A 35 -21.61 -30.91 -2.18
CA ARG A 35 -21.53 -30.92 -3.64
C ARG A 35 -20.21 -31.57 -4.05
N PRO A 36 -20.23 -32.49 -5.01
CA PRO A 36 -19.01 -33.25 -5.34
C PRO A 36 -17.84 -32.34 -5.71
N ILE A 37 -16.66 -32.73 -5.27
CA ILE A 37 -15.45 -31.94 -5.47
C ILE A 37 -14.37 -32.84 -6.05
N ASP A 38 -13.61 -32.33 -7.00
CA ASP A 38 -12.48 -33.07 -7.55
C ASP A 38 -11.38 -33.18 -6.50
N SER A 39 -10.68 -34.32 -6.51
CA SER A 39 -9.55 -34.52 -5.61
C SER A 39 -8.43 -33.54 -5.88
N ASN A 40 -8.36 -32.98 -7.09
CA ASN A 40 -7.38 -31.95 -7.42
C ASN A 40 -7.60 -30.67 -6.63
N THR A 41 -8.73 -30.53 -5.93
CA THR A 41 -8.96 -29.34 -5.13
C THR A 41 -7.97 -29.23 -3.97
N PHE A 42 -7.62 -30.38 -3.37
CA PHE A 42 -6.69 -30.43 -2.24
C PHE A 42 -5.66 -31.52 -2.54
N GLU A 43 -4.68 -31.19 -3.36
CA GLU A 43 -3.62 -32.12 -3.74
C GLU A 43 -2.41 -31.80 -2.86
N MET A 44 -2.39 -32.38 -1.66
CA MET A 44 -1.36 -32.08 -0.68
C MET A 44 -1.43 -33.10 0.44
N ASN A 45 -0.39 -33.10 1.27
CA ASN A 45 -0.40 -33.94 2.46
C ASN A 45 -1.12 -33.22 3.59
N GLY A 46 -1.35 -33.94 4.70
CA GLY A 46 -2.03 -33.34 5.83
C GLY A 46 -1.30 -32.16 6.42
N LYS A 47 0.04 -32.17 6.35
CA LYS A 47 0.81 -31.03 6.86
C LYS A 47 0.51 -29.78 6.06
N ALA A 48 0.42 -29.90 4.73
CA ALA A 48 0.07 -28.74 3.91
C ALA A 48 -1.36 -28.28 4.19
N LEU A 49 -2.27 -29.23 4.36
CA LEU A 49 -3.66 -28.86 4.57
C LEU A 49 -3.78 -28.01 5.82
N LEU A 50 -3.00 -28.34 6.83
CA LEU A 50 -3.05 -27.59 8.08
C LEU A 50 -2.63 -26.15 7.87
N LEU A 51 -1.58 -25.95 7.08
CA LEU A 51 -1.09 -24.60 6.82
C LEU A 51 -2.16 -23.71 6.22
N LEU A 52 -3.13 -24.32 5.55
CA LEU A 52 -4.17 -23.55 4.88
C LEU A 52 -5.18 -22.92 5.83
N THR A 53 -5.56 -21.69 5.55
CA THR A 53 -6.57 -21.00 6.35
C THR A 53 -7.95 -21.27 5.78
N LYS A 54 -8.98 -20.98 6.59
CA LYS A 54 -10.34 -21.20 6.14
C LYS A 54 -10.65 -20.42 4.87
N GLU A 55 -10.05 -19.23 4.72
CA GLU A 55 -10.19 -18.50 3.46
C GLU A 55 -9.59 -19.27 2.29
N ASP A 56 -8.51 -20.01 2.53
CA ASP A 56 -7.92 -20.84 1.48
C ASP A 56 -8.82 -22.02 1.15
N PHE A 57 -9.47 -22.60 2.17
CA PHE A 57 -10.44 -23.67 1.92
C PHE A 57 -11.62 -23.15 1.11
N ARG A 58 -12.09 -21.95 1.43
CA ARG A 58 -13.20 -21.36 0.68
C ARG A 58 -12.84 -21.16 -0.78
N TYR A 59 -11.65 -20.60 -1.03
CA TYR A 59 -11.24 -20.32 -2.41
C TYR A 59 -11.10 -21.61 -3.22
N ARG A 60 -10.60 -22.67 -2.60
CA ARG A 60 -10.38 -23.92 -3.33
C ARG A 60 -11.71 -24.55 -3.75
N SER A 61 -12.55 -24.96 -2.79
CA SER A 61 -13.85 -25.54 -3.07
C SER A 61 -14.92 -24.62 -2.51
N PRO A 62 -15.45 -23.69 -3.32
CA PRO A 62 -16.41 -22.72 -2.78
C PRO A 62 -17.65 -23.37 -2.21
N HIS A 63 -18.11 -24.46 -2.83
CA HIS A 63 -19.39 -25.05 -2.44
C HIS A 63 -19.31 -25.68 -1.06
N SER A 64 -18.19 -26.30 -0.71
CA SER A 64 -18.12 -27.01 0.55
C SER A 64 -16.78 -26.82 1.23
N GLY A 65 -16.07 -25.74 0.91
CA GLY A 65 -14.81 -25.48 1.59
C GLY A 65 -15.01 -25.14 3.05
N ASP A 66 -16.04 -24.37 3.36
CA ASP A 66 -16.28 -23.96 4.74
C ASP A 66 -16.45 -25.17 5.65
N GLU A 67 -17.35 -26.07 5.29
CA GLU A 67 -17.64 -27.21 6.14
C GLU A 67 -16.43 -28.14 6.21
N LEU A 68 -15.70 -28.29 5.10
CA LEU A 68 -14.48 -29.11 5.13
C LEU A 68 -13.47 -28.58 6.14
N TYR A 69 -13.30 -27.26 6.17
CA TYR A 69 -12.41 -26.66 7.13
C TYR A 69 -12.88 -26.97 8.54
N GLU A 70 -14.15 -26.72 8.80
CA GLU A 70 -14.68 -26.95 10.13
C GLU A 70 -14.58 -28.42 10.52
N LEU A 71 -14.78 -29.32 9.55
CA LEU A 71 -14.61 -30.74 9.81
C LEU A 71 -13.17 -31.05 10.26
N LEU A 72 -12.20 -30.51 9.53
CA LEU A 72 -10.80 -30.72 9.90
C LEU A 72 -10.54 -30.20 11.31
N GLN A 73 -11.04 -29.01 11.60
CA GLN A 73 -10.88 -28.47 12.93
C GLN A 73 -11.51 -29.41 13.96
N HIS A 74 -12.71 -29.90 13.68
CA HIS A 74 -13.37 -30.82 14.60
C HIS A 74 -12.58 -32.11 14.74
N ILE A 75 -11.93 -32.56 13.66
CA ILE A 75 -11.09 -33.76 13.77
C ILE A 75 -9.86 -33.46 14.62
N LEU A 76 -9.33 -32.23 14.51
CA LEU A 76 -8.16 -31.86 15.29
C LEU A 76 -8.46 -31.76 16.78
N LYS A 77 -9.70 -31.45 17.14
CA LYS A 77 -10.06 -31.31 18.54
C LYS A 77 -10.26 -32.66 19.23
N GLN A 78 -10.68 -33.69 18.50
CA GLN A 78 -10.91 -35.01 19.08
C GLN A 78 -9.61 -35.73 19.40
N ILE A 88 9.13 -26.62 10.63
CA ILE A 88 10.49 -26.26 10.24
C ILE A 88 11.06 -27.29 9.27
N ARG A 89 12.18 -27.92 9.66
CA ARG A 89 12.88 -28.92 8.85
C ARG A 89 13.33 -28.37 7.49
N LEU A 90 13.72 -27.09 7.48
CA LEU A 90 14.21 -26.49 6.24
C LEU A 90 15.59 -27.04 5.91
N PRO A 91 15.90 -27.23 4.63
CA PRO A 91 17.23 -27.74 4.26
C PRO A 91 18.33 -26.82 4.73
N ALA A 92 19.52 -27.41 4.93
CA ALA A 92 20.65 -26.62 5.38
C ALA A 92 21.01 -25.55 4.36
N HIS A 93 20.84 -25.83 3.07
CA HIS A 93 21.11 -24.83 2.04
C HIS A 93 20.17 -23.64 2.14
N LEU A 94 18.96 -23.85 2.69
CA LEU A 94 17.97 -22.79 2.82
C LEU A 94 17.70 -22.43 4.28
N ARG A 95 18.63 -22.74 5.18
CA ARG A 95 18.44 -22.43 6.59
C ARG A 95 18.58 -20.94 6.88
N LEU A 96 19.14 -20.17 5.95
CA LEU A 96 19.27 -18.73 6.13
C LEU A 96 17.90 -18.06 6.04
N GLN A 97 17.87 -16.78 6.38
CA GLN A 97 16.61 -16.04 6.39
C GLN A 97 16.16 -15.73 4.96
N PRO A 98 14.86 -15.71 4.72
CA PRO A 98 14.38 -15.56 3.34
C PRO A 98 14.77 -14.24 2.70
N ILE A 99 15.01 -13.20 3.50
CA ILE A 99 15.40 -11.93 2.92
C ILE A 99 16.72 -12.05 2.17
N TYR A 100 17.57 -13.01 2.56
CA TYR A 100 18.84 -13.25 1.90
C TYR A 100 18.79 -14.34 0.84
N TRP A 101 17.62 -14.90 0.56
CA TRP A 101 17.50 -15.93 -0.45
C TRP A 101 17.76 -15.34 -1.84
N SER A 102 18.72 -15.90 -2.57
CA SER A 102 18.89 -15.51 -3.95
C SER A 102 17.78 -16.13 -4.79
N ARG A 103 17.77 -15.78 -6.08
CA ARG A 103 16.74 -16.33 -6.96
C ARG A 103 16.85 -17.84 -7.07
N ASP A 104 18.06 -18.38 -7.00
CA ASP A 104 18.24 -19.84 -7.02
C ASP A 104 17.72 -20.48 -5.75
N ASP A 105 17.97 -19.83 -4.60
CA ASP A 105 17.49 -20.37 -3.32
C ASP A 105 15.98 -20.48 -3.30
N VAL A 106 15.28 -19.50 -3.88
CA VAL A 106 13.83 -19.56 -3.93
C VAL A 106 13.37 -20.78 -4.73
N ALA A 107 14.10 -21.10 -5.80
CA ALA A 107 13.73 -22.24 -6.63
C ALA A 107 13.86 -23.55 -5.85
N GLN A 108 14.93 -23.70 -5.06
CA GLN A 108 15.07 -24.89 -4.24
C GLN A 108 13.97 -24.97 -3.20
N TRP A 109 13.60 -23.82 -2.62
CA TRP A 109 12.52 -23.79 -1.64
C TRP A 109 11.21 -24.25 -2.27
N LEU A 110 10.94 -23.80 -3.50
CA LEU A 110 9.75 -24.26 -4.21
C LEU A 110 9.83 -25.75 -4.49
N LYS A 111 10.98 -26.23 -4.97
CA LYS A 111 11.12 -27.65 -5.27
C LYS A 111 11.09 -28.48 -3.99
N TRP A 112 11.66 -27.96 -2.90
CA TRP A 112 11.68 -28.73 -1.66
C TRP A 112 10.29 -28.85 -1.06
N ALA A 113 9.60 -27.72 -0.88
CA ALA A 113 8.24 -27.77 -0.36
C ALA A 113 7.33 -28.61 -1.23
N GLU A 114 7.62 -28.67 -2.53
CA GLU A 114 6.87 -29.55 -3.42
C GLU A 114 6.99 -31.00 -2.97
N ASN A 115 8.22 -31.46 -2.72
CA ASN A 115 8.40 -32.82 -2.22
C ASN A 115 8.04 -32.92 -0.74
N GLU A 116 8.12 -31.81 -0.01
CA GLU A 116 7.82 -31.86 1.42
C GLU A 116 6.33 -32.00 1.67
N PHE A 117 5.51 -31.33 0.86
CA PHE A 117 4.06 -31.33 1.04
C PHE A 117 3.33 -32.07 -0.07
N SER A 118 4.05 -32.74 -0.97
CA SER A 118 3.45 -33.51 -2.06
C SER A 118 2.47 -32.65 -2.85
N LEU A 119 2.96 -31.52 -3.34
CA LEU A 119 2.15 -30.56 -4.07
C LEU A 119 2.27 -30.79 -5.58
N ARG A 120 1.49 -30.03 -6.35
CA ARG A 120 1.63 -30.04 -7.79
C ARG A 120 3.00 -29.49 -8.18
N PRO A 121 3.56 -29.97 -9.29
CA PRO A 121 4.94 -29.59 -9.65
C PRO A 121 5.10 -28.12 -9.96
N ILE A 122 5.71 -27.38 -9.04
CA ILE A 122 5.91 -25.94 -9.20
C ILE A 122 7.06 -25.70 -10.16
N ASP A 123 6.80 -24.94 -11.21
CA ASP A 123 7.85 -24.52 -12.12
C ASP A 123 8.75 -23.49 -11.46
N SER A 124 10.05 -23.55 -11.79
CA SER A 124 10.98 -22.57 -11.27
C SER A 124 10.61 -21.17 -11.71
N ASN A 125 10.01 -21.03 -12.89
CA ASN A 125 9.58 -19.73 -13.40
C ASN A 125 8.45 -19.12 -12.60
N THR A 126 7.86 -19.87 -11.66
CA THR A 126 6.73 -19.35 -10.89
C THR A 126 7.13 -18.16 -10.04
N PHE A 127 8.32 -18.21 -9.45
CA PHE A 127 8.83 -17.11 -8.61
C PHE A 127 10.23 -16.76 -9.12
N GLU A 128 10.26 -15.91 -10.15
CA GLU A 128 11.53 -15.46 -10.73
C GLU A 128 11.94 -14.16 -10.05
N MET A 129 12.45 -14.29 -8.83
CA MET A 129 12.77 -13.13 -8.02
C MET A 129 13.69 -13.55 -6.89
N ASN A 130 14.30 -12.56 -6.23
CA ASN A 130 15.11 -12.83 -5.05
C ASN A 130 14.22 -13.09 -3.84
N GLY A 131 14.84 -13.28 -2.68
CA GLY A 131 14.08 -13.52 -1.47
C GLY A 131 13.32 -12.30 -0.97
N LYS A 132 13.88 -11.10 -1.17
CA LYS A 132 13.17 -9.90 -0.74
C LYS A 132 11.87 -9.71 -1.52
N ALA A 133 11.93 -9.86 -2.84
CA ALA A 133 10.73 -9.70 -3.65
C ALA A 133 9.66 -10.71 -3.26
N LEU A 134 10.08 -11.94 -2.93
CA LEU A 134 9.13 -12.94 -2.47
C LEU A 134 8.37 -12.45 -1.24
N LEU A 135 9.06 -11.70 -0.37
CA LEU A 135 8.38 -11.17 0.80
C LEU A 135 7.42 -10.05 0.45
N LEU A 136 7.70 -9.31 -0.63
CA LEU A 136 6.82 -8.21 -1.00
C LEU A 136 5.48 -8.71 -1.50
N LEU A 137 5.45 -9.87 -2.15
CA LEU A 137 4.21 -10.36 -2.74
C LEU A 137 3.17 -10.64 -1.65
N THR A 138 1.92 -10.31 -1.94
CA THR A 138 0.82 -10.64 -1.07
C THR A 138 0.34 -12.06 -1.34
N LYS A 139 -0.52 -12.56 -0.46
CA LYS A 139 -1.03 -13.92 -0.60
C LYS A 139 -1.71 -14.11 -1.95
N GLU A 140 -2.41 -13.08 -2.44
CA GLU A 140 -3.05 -13.19 -3.74
C GLU A 140 -2.02 -13.43 -4.85
N ASP A 141 -0.90 -12.71 -4.81
CA ASP A 141 0.14 -12.88 -5.82
C ASP A 141 0.66 -14.31 -5.84
N PHE A 142 0.84 -14.91 -4.65
CA PHE A 142 1.21 -16.32 -4.59
C PHE A 142 0.15 -17.18 -5.26
N ARG A 143 -1.13 -16.90 -5.00
CA ARG A 143 -2.20 -17.72 -5.55
C ARG A 143 -2.25 -17.61 -7.07
N TYR A 144 -2.04 -16.41 -7.60
CA TYR A 144 -2.01 -16.25 -9.05
C TYR A 144 -0.85 -17.02 -9.66
N ARG A 145 0.32 -16.93 -9.04
CA ARG A 145 1.50 -17.61 -9.59
C ARG A 145 1.37 -19.12 -9.47
N SER A 146 0.96 -19.62 -8.30
CA SER A 146 0.80 -21.05 -8.05
C SER A 146 -0.66 -21.31 -7.68
N PRO A 147 -1.53 -21.47 -8.68
CA PRO A 147 -2.94 -21.72 -8.38
C PRO A 147 -3.20 -23.05 -7.71
N HIS A 148 -2.24 -23.97 -7.72
CA HIS A 148 -2.42 -25.27 -7.10
C HIS A 148 -1.70 -25.41 -5.77
N SER A 149 -0.65 -24.63 -5.55
CA SER A 149 0.10 -24.75 -4.30
C SER A 149 0.46 -23.39 -3.71
N GLY A 150 -0.19 -22.31 -4.16
CA GLY A 150 0.21 -20.99 -3.71
C GLY A 150 -0.04 -20.75 -2.24
N ASP A 151 -1.25 -21.04 -1.76
CA ASP A 151 -1.57 -20.79 -0.37
C ASP A 151 -0.63 -21.56 0.57
N VAL A 152 -0.37 -22.84 0.25
CA VAL A 152 0.59 -23.60 1.04
C VAL A 152 1.98 -22.98 0.95
N LEU A 153 2.39 -22.63 -0.27
CA LEU A 153 3.68 -21.97 -0.46
C LEU A 153 3.73 -20.56 0.12
N TYR A 154 2.60 -20.04 0.58
CA TYR A 154 2.57 -18.73 1.22
C TYR A 154 2.63 -18.83 2.74
N GLU A 155 1.76 -19.65 3.34
CA GLU A 155 1.77 -19.79 4.79
C GLU A 155 3.06 -20.41 5.28
N LEU A 156 3.68 -21.27 4.47
CA LEU A 156 4.97 -21.85 4.85
C LEU A 156 6.01 -20.75 5.03
N LEU A 157 6.03 -19.79 4.11
CA LEU A 157 6.95 -18.66 4.24
C LEU A 157 6.73 -17.95 5.56
N GLN A 158 5.46 -17.66 5.90
CA GLN A 158 5.17 -16.95 7.14
C GLN A 158 5.66 -17.73 8.35
N HIS A 159 5.49 -19.06 8.34
CA HIS A 159 6.03 -19.87 9.43
C HIS A 159 7.55 -19.81 9.45
N ILE A 160 8.18 -19.88 8.27
CA ILE A 160 9.63 -19.69 8.19
C ILE A 160 9.99 -18.30 8.70
N LEU A 161 9.22 -17.28 8.32
CA LEU A 161 9.47 -15.93 8.81
C LEU A 161 9.32 -15.86 10.33
N LYS A 162 8.40 -16.66 10.88
CA LYS A 162 8.25 -16.70 12.33
C LYS A 162 9.46 -17.36 12.98
N GLN A 163 10.01 -18.39 12.34
CA GLN A 163 11.20 -19.06 12.87
C GLN A 163 12.40 -18.12 12.75
N ARG A 164 13.02 -17.81 13.89
CA ARG A 164 14.15 -16.90 13.95
C ARG A 164 13.81 -15.56 13.30
N LEU A 175 16.36 3.48 -2.01
CA LEU A 175 16.06 3.89 -3.36
C LEU A 175 17.23 4.66 -3.95
N PRO A 176 17.44 4.58 -5.27
CA PRO A 176 18.54 5.33 -5.88
C PRO A 176 18.33 6.83 -5.75
N ALA A 177 19.45 7.57 -5.71
CA ALA A 177 19.38 9.01 -5.52
C ALA A 177 18.70 9.71 -6.69
N HIS A 178 18.83 9.17 -7.91
CA HIS A 178 18.16 9.75 -9.07
C HIS A 178 16.64 9.66 -8.94
N LEU A 179 16.13 8.82 -8.06
CA LEU A 179 14.70 8.61 -7.88
C LEU A 179 14.27 8.86 -6.44
N ARG A 180 15.04 9.62 -5.67
CA ARG A 180 14.66 9.91 -4.30
C ARG A 180 13.45 10.83 -4.21
N LEU A 181 12.99 11.38 -5.34
CA LEU A 181 11.82 12.23 -5.33
C LEU A 181 10.56 11.37 -5.20
N GLN A 182 9.46 12.03 -4.85
CA GLN A 182 8.19 11.34 -4.66
C GLN A 182 7.69 10.81 -6.01
N PRO A 183 7.16 9.58 -6.07
CA PRO A 183 6.74 9.01 -7.35
C PRO A 183 5.78 9.90 -8.13
N ILE A 184 4.94 10.67 -7.45
CA ILE A 184 4.02 11.58 -8.12
C ILE A 184 4.78 12.55 -9.02
N TYR A 185 6.02 12.86 -8.68
CA TYR A 185 6.85 13.76 -9.45
C TYR A 185 7.85 13.05 -10.36
N TRP A 186 7.73 11.74 -10.54
CA TRP A 186 8.68 11.03 -11.40
C TRP A 186 8.40 11.31 -12.86
N SER A 187 9.45 11.27 -13.67
CA SER A 187 9.34 11.50 -15.10
C SER A 187 9.23 10.17 -15.83
N ARG A 188 8.94 10.26 -17.13
CA ARG A 188 8.87 9.05 -17.94
C ARG A 188 10.21 8.33 -17.95
N ASP A 189 11.31 9.09 -18.02
CA ASP A 189 12.63 8.49 -17.91
C ASP A 189 12.90 8.00 -16.50
N ASP A 190 12.34 8.68 -15.49
CA ASP A 190 12.53 8.24 -14.12
C ASP A 190 11.87 6.89 -13.88
N VAL A 191 10.66 6.68 -14.43
CA VAL A 191 9.98 5.40 -14.28
C VAL A 191 10.82 4.26 -14.87
N ALA A 192 11.47 4.53 -16.00
CA ALA A 192 12.30 3.50 -16.64
C ALA A 192 13.47 3.11 -15.75
N GLN A 193 14.16 4.10 -15.20
CA GLN A 193 15.29 3.79 -14.32
C GLN A 193 14.84 3.07 -13.06
N TRP A 194 13.62 3.38 -12.57
CA TRP A 194 13.09 2.68 -11.40
C TRP A 194 12.92 1.19 -11.69
N LEU A 195 12.43 0.87 -12.89
CA LEU A 195 12.30 -0.53 -13.28
C LEU A 195 13.66 -1.22 -13.28
N LYS A 196 14.65 -0.60 -13.93
CA LYS A 196 15.98 -1.19 -14.01
C LYS A 196 16.59 -1.38 -12.63
N TRP A 197 16.35 -0.42 -11.72
CA TRP A 197 16.81 -0.58 -10.36
C TRP A 197 16.10 -1.74 -9.68
N ALA A 198 14.78 -1.82 -9.85
CA ALA A 198 14.01 -2.89 -9.24
C ALA A 198 14.46 -4.25 -9.75
N GLU A 199 14.76 -4.33 -11.05
CA GLU A 199 15.18 -5.60 -11.63
C GLU A 199 16.47 -6.09 -10.98
N ASN A 200 17.45 -5.20 -10.84
CA ASN A 200 18.69 -5.61 -10.21
C ASN A 200 18.52 -5.80 -8.71
N GLU A 201 17.67 -4.98 -8.09
CA GLU A 201 17.51 -5.03 -6.64
C GLU A 201 16.82 -6.32 -6.20
N PHE A 202 15.82 -6.77 -6.96
CA PHE A 202 15.03 -7.94 -6.58
C PHE A 202 15.30 -9.14 -7.46
N SER A 203 16.38 -9.13 -8.24
CA SER A 203 16.72 -10.26 -9.10
C SER A 203 15.58 -10.63 -10.04
N LEU A 204 14.93 -9.62 -10.61
CA LEU A 204 13.80 -9.85 -11.49
C LEU A 204 14.27 -10.16 -12.91
N ARG A 205 13.35 -10.68 -13.73
CA ARG A 205 13.65 -10.93 -15.12
C ARG A 205 13.86 -9.59 -15.84
N PRO A 206 14.55 -9.60 -16.98
CA PRO A 206 14.71 -8.36 -17.75
C PRO A 206 13.38 -7.69 -18.06
N ILE A 207 13.28 -6.41 -17.71
CA ILE A 207 12.07 -5.62 -17.88
C ILE A 207 12.29 -4.64 -19.02
N ASP A 208 11.36 -4.61 -19.97
CA ASP A 208 11.42 -3.62 -21.03
C ASP A 208 10.95 -2.27 -20.51
N SER A 209 11.60 -1.19 -20.97
CA SER A 209 11.25 0.14 -20.48
C SER A 209 9.87 0.58 -20.96
N ASN A 210 9.45 0.13 -22.14
CA ASN A 210 8.13 0.45 -22.64
C ASN A 210 7.01 -0.23 -21.86
N THR A 211 7.34 -1.07 -20.88
CA THR A 211 6.32 -1.74 -20.08
C THR A 211 5.48 -0.74 -19.31
N PHE A 212 6.09 0.36 -18.84
CA PHE A 212 5.39 1.43 -18.16
C PHE A 212 5.83 2.75 -18.78
N GLU A 213 5.47 2.94 -20.05
CA GLU A 213 5.84 4.16 -20.78
C GLU A 213 4.86 5.27 -20.40
N MET A 214 5.13 5.89 -19.26
CA MET A 214 4.27 6.93 -18.70
C MET A 214 5.03 7.68 -17.62
N ASN A 215 4.38 8.69 -17.06
CA ASN A 215 4.93 9.44 -15.94
C ASN A 215 4.52 8.81 -14.62
N GLY A 216 5.22 9.22 -13.57
CA GLY A 216 4.96 8.65 -12.25
C GLY A 216 3.52 8.79 -11.82
N LYS A 217 2.90 9.93 -12.17
CA LYS A 217 1.48 10.09 -11.89
C LYS A 217 0.66 9.01 -12.59
N ALA A 218 0.92 8.80 -13.88
CA ALA A 218 0.17 7.77 -14.60
C ALA A 218 0.45 6.38 -14.04
N LEU A 219 1.69 6.14 -13.61
CA LEU A 219 2.02 4.85 -13.02
C LEU A 219 1.23 4.60 -11.74
N LEU A 220 0.99 5.65 -10.96
CA LEU A 220 0.19 5.51 -9.76
C LEU A 220 -1.25 5.11 -10.10
N LEU A 221 -1.81 5.70 -11.17
CA LEU A 221 -3.20 5.42 -11.52
C LEU A 221 -3.41 3.96 -11.88
N LEU A 222 -2.39 3.28 -12.38
CA LEU A 222 -2.54 1.89 -12.79
C LEU A 222 -2.89 1.02 -11.58
N THR A 223 -3.81 0.09 -11.79
CA THR A 223 -4.19 -0.86 -10.77
C THR A 223 -3.25 -2.06 -10.78
N LYS A 224 -3.29 -2.85 -9.69
CA LYS A 224 -2.41 -4.01 -9.58
C LYS A 224 -2.64 -5.00 -10.71
N GLU A 225 -3.86 -5.07 -11.25
CA GLU A 225 -4.12 -5.93 -12.40
C GLU A 225 -3.41 -5.41 -13.66
N ASP A 226 -3.26 -4.09 -13.78
CA ASP A 226 -2.51 -3.54 -14.91
C ASP A 226 -1.02 -3.88 -14.81
N PHE A 227 -0.46 -3.79 -13.60
CA PHE A 227 0.93 -4.18 -13.40
C PHE A 227 1.14 -5.65 -13.75
N ARG A 228 0.22 -6.53 -13.32
CA ARG A 228 0.35 -7.94 -13.65
C ARG A 228 0.26 -8.17 -15.15
N TYR A 229 -0.52 -7.35 -15.85
CA TYR A 229 -0.64 -7.51 -17.29
C TYR A 229 0.57 -6.94 -18.01
N ARG A 230 1.08 -5.79 -17.56
CA ARG A 230 2.23 -5.20 -18.23
C ARG A 230 3.48 -6.06 -18.03
N SER A 231 3.77 -6.46 -16.79
CA SER A 231 4.90 -7.32 -16.47
C SER A 231 4.38 -8.57 -15.77
N PRO A 232 4.05 -9.62 -16.51
CA PRO A 232 3.60 -10.85 -15.87
C PRO A 232 4.67 -11.51 -15.03
N HIS A 233 5.95 -11.23 -15.30
CA HIS A 233 7.02 -11.84 -14.53
C HIS A 233 7.27 -11.11 -13.22
N SER A 234 7.14 -9.78 -13.22
CA SER A 234 7.52 -9.00 -12.06
C SER A 234 6.52 -7.90 -11.69
N GLY A 235 5.41 -7.75 -12.42
CA GLY A 235 4.47 -6.67 -12.14
C GLY A 235 3.91 -6.68 -10.73
N ASP A 236 3.68 -7.88 -10.17
CA ASP A 236 3.23 -7.95 -8.79
C ASP A 236 4.28 -7.42 -7.83
N VAL A 237 5.56 -7.76 -8.07
CA VAL A 237 6.62 -7.20 -7.26
C VAL A 237 6.70 -5.69 -7.47
N LEU A 238 6.72 -5.26 -8.73
CA LEU A 238 6.87 -3.84 -9.04
C LEU A 238 5.75 -3.02 -8.42
N TYR A 239 4.51 -3.49 -8.52
CA TYR A 239 3.39 -2.77 -7.91
C TYR A 239 3.63 -2.56 -6.43
N GLU A 240 3.91 -3.62 -5.69
CA GLU A 240 4.12 -3.51 -4.25
C GLU A 240 5.30 -2.60 -3.93
N LEU A 241 6.37 -2.70 -4.72
CA LEU A 241 7.51 -1.81 -4.55
C LEU A 241 7.08 -0.35 -4.57
N LEU A 242 6.25 0.03 -5.53
CA LEU A 242 5.76 1.40 -5.61
C LEU A 242 4.97 1.78 -4.36
N GLN A 243 4.19 0.84 -3.82
CA GLN A 243 3.41 1.12 -2.62
C GLN A 243 4.32 1.43 -1.44
N HIS A 244 5.41 0.69 -1.29
CA HIS A 244 6.33 0.95 -0.18
C HIS A 244 7.02 2.30 -0.35
N ILE A 245 7.34 2.68 -1.60
CA ILE A 245 7.97 3.98 -1.83
C ILE A 245 7.02 5.12 -1.45
N LEU A 246 5.73 4.92 -1.73
CA LEU A 246 4.70 5.96 -1.42
C LEU A 246 4.61 6.14 0.10
N GLY A 247 5.06 5.14 0.86
CA GLY A 247 4.99 5.21 2.34
C GLY A 247 6.15 4.49 3.00
N LEU A 251 6.81 1.63 6.44
CA LEU A 251 6.75 1.20 7.86
C LEU A 251 7.05 2.39 8.77
N GLY A 252 8.27 2.93 8.70
CA GLY A 252 8.63 4.12 9.49
C GLY A 252 7.71 5.27 9.13
N LYS A 253 7.38 5.42 7.85
CA LYS A 253 6.45 6.49 7.40
C LYS A 253 5.07 6.22 8.02
N LYS A 254 4.62 4.95 7.98
CA LYS A 254 3.31 4.59 8.57
C LYS A 254 3.29 5.04 10.03
N LEU A 255 4.42 4.85 10.73
CA LEU A 255 4.52 5.31 12.15
C LEU A 255 4.65 6.83 12.15
N LEU A 256 5.41 7.38 11.20
CA LEU A 256 5.61 8.83 11.21
CA LEU A 256 5.61 8.83 11.21
C LEU A 256 4.30 9.57 10.93
N GLU A 257 3.44 8.99 10.09
CA GLU A 257 2.15 9.62 9.81
C GLU A 257 1.35 9.89 11.08
N ALA A 258 1.66 9.19 12.18
CA ALA A 258 1.02 9.40 13.47
C ALA A 258 1.40 10.76 14.05
N ALA A 259 2.22 11.51 13.32
CA ALA A 259 2.47 12.90 13.65
C ALA A 259 1.19 13.72 13.69
N ARG A 260 0.14 13.29 12.99
CA ARG A 260 -1.19 13.85 13.18
C ARG A 260 -1.56 13.93 14.66
N ALA A 261 -1.31 12.87 15.42
CA ALA A 261 -1.64 12.85 16.84
C ALA A 261 -0.89 13.92 17.63
N GLY A 262 0.19 14.47 17.07
CA GLY A 262 0.96 15.47 17.75
C GLY A 262 2.13 14.95 18.56
N GLN A 263 2.51 13.68 18.39
CA GLN A 263 3.66 13.10 19.10
C GLN A 263 4.93 13.63 18.44
N ASP A 264 5.29 14.86 18.83
CA ASP A 264 6.41 15.55 18.22
C ASP A 264 7.72 14.79 18.44
N ASP A 265 7.96 14.36 19.68
CA ASP A 265 9.18 13.60 19.97
C ASP A 265 9.24 12.33 19.13
N GLU A 266 8.11 11.65 18.94
CA GLU A 266 8.09 10.46 18.08
C GLU A 266 8.34 10.81 16.61
N VAL A 267 7.93 12.01 16.18
CA VAL A 267 8.20 12.43 14.80
C VAL A 267 9.69 12.68 14.61
N ARG A 268 10.31 13.38 15.56
CA ARG A 268 11.76 13.58 15.49
C ARG A 268 12.49 12.24 15.52
N ILE A 269 12.11 11.36 16.44
CA ILE A 269 12.74 10.05 16.52
C ILE A 269 12.57 9.28 15.21
N LEU A 270 11.38 9.34 14.62
CA LEU A 270 11.14 8.65 13.37
C LEU A 270 11.99 9.24 12.25
N MET A 271 12.01 10.56 12.13
CA MET A 271 12.83 11.20 11.09
C MET A 271 14.31 10.96 11.32
N ALA A 272 14.75 11.01 12.57
CA ALA A 272 16.15 10.68 12.88
C ALA A 272 16.49 9.27 12.39
N ASN A 273 15.57 8.33 12.58
CA ASN A 273 15.78 6.98 12.05
C ASN A 273 15.66 6.93 10.54
N GLY A 274 15.11 7.99 9.93
CA GLY A 274 14.93 8.04 8.50
C GLY A 274 13.53 7.66 8.09
N ALA A 275 12.83 8.58 7.43
CA ALA A 275 11.47 8.31 6.98
C ALA A 275 11.14 9.27 5.85
N ASP A 276 10.24 8.83 4.97
CA ASP A 276 9.79 9.66 3.86
C ASP A 276 8.91 10.75 4.44
N VAL A 277 9.46 11.97 4.54
CA VAL A 277 8.69 13.10 5.06
C VAL A 277 7.51 13.39 4.17
N ASN A 278 7.60 13.02 2.89
CA ASN A 278 6.50 13.16 1.94
C ASN A 278 5.78 11.84 1.73
N ALA A 279 5.59 11.07 2.79
CA ALA A 279 4.86 9.82 2.72
C ALA A 279 3.40 10.08 2.39
N THR A 280 2.69 9.03 2.01
CA THR A 280 1.30 9.14 1.62
C THR A 280 0.52 7.98 2.22
N ASP A 281 -0.54 8.29 2.95
CA ASP A 281 -1.38 7.26 3.56
C ASP A 281 -2.28 6.63 2.50
N ASN A 282 -3.24 5.80 2.95
CA ASN A 282 -4.15 5.15 2.03
C ASN A 282 -5.05 6.13 1.30
N ASP A 283 -5.23 7.34 1.84
CA ASP A 283 -6.00 8.39 1.20
C ASP A 283 -5.13 9.46 0.57
N GLY A 284 -3.80 9.34 0.65
CA GLY A 284 -2.91 10.23 -0.04
C GLY A 284 -2.59 11.50 0.73
N TYR A 285 -2.31 11.35 2.02
CA TYR A 285 -2.02 12.46 2.90
C TYR A 285 -0.59 12.35 3.44
N THR A 286 0.18 13.42 3.29
CA THR A 286 1.50 13.51 3.88
C THR A 286 1.40 13.76 5.38
N PRO A 287 2.49 13.51 6.12
CA PRO A 287 2.54 13.99 7.52
C PRO A 287 2.22 15.46 7.66
N LEU A 288 2.58 16.28 6.68
CA LEU A 288 2.25 17.70 6.70
C LEU A 288 0.74 17.91 6.68
N HIS A 289 0.05 17.28 5.73
CA HIS A 289 -1.41 17.35 5.68
C HIS A 289 -2.01 17.07 7.05
N LEU A 290 -1.59 15.97 7.66
CA LEU A 290 -2.19 15.54 8.92
C LEU A 290 -1.80 16.45 10.06
N ALA A 291 -0.54 16.91 10.08
CA ALA A 291 -0.09 17.79 11.16
C ALA A 291 -0.72 19.18 11.03
N ALA A 292 -0.88 19.66 9.79
CA ALA A 292 -1.49 20.97 9.59
C ALA A 292 -2.96 20.96 9.96
N SER A 293 -3.67 19.86 9.65
CA SER A 293 -5.08 19.78 9.97
CA SER A 293 -5.08 19.78 9.97
CA SER A 293 -5.08 19.76 9.97
C SER A 293 -5.34 19.65 11.46
N ASN A 294 -4.35 19.18 12.24
CA ASN A 294 -4.51 18.98 13.67
C ASN A 294 -3.80 20.04 14.50
N GLY A 295 -3.30 21.10 13.87
CA GLY A 295 -2.69 22.19 14.60
C GLY A 295 -1.44 21.83 15.37
N HIS A 296 -0.39 21.41 14.64
CA HIS A 296 0.90 21.07 15.25
C HIS A 296 1.97 21.89 14.52
N LEU A 297 2.05 23.17 14.86
CA LEU A 297 3.02 24.04 14.21
C LEU A 297 4.44 23.53 14.40
N GLU A 298 4.74 23.00 15.60
CA GLU A 298 6.04 22.38 15.81
C GLU A 298 6.29 21.26 14.80
N ILE A 299 5.27 20.44 14.55
CA ILE A 299 5.40 19.38 13.55
C ILE A 299 5.34 19.97 12.14
N VAL A 300 4.44 20.94 11.91
CA VAL A 300 4.31 21.56 10.59
C VAL A 300 5.58 22.29 10.17
N GLU A 301 6.41 22.71 11.13
CA GLU A 301 7.67 23.39 10.80
C GLU A 301 8.84 22.43 10.67
N VAL A 302 8.90 21.39 11.53
CA VAL A 302 10.03 20.47 11.46
C VAL A 302 9.94 19.62 10.20
N LEU A 303 8.73 19.29 9.76
CA LEU A 303 8.58 18.52 8.53
C LEU A 303 9.05 19.32 7.32
N LEU A 304 8.71 20.60 7.27
CA LEU A 304 9.16 21.45 6.18
C LEU A 304 10.69 21.59 6.18
N LYS A 305 11.28 21.79 7.35
CA LYS A 305 12.73 21.91 7.43
C LYS A 305 13.42 20.62 6.98
N ASN A 306 12.84 19.47 7.32
CA ASN A 306 13.39 18.17 6.94
C ASN A 306 12.98 17.72 5.54
N GLY A 307 12.37 18.62 4.75
CA GLY A 307 11.99 18.30 3.38
C GLY A 307 10.57 17.80 3.23
N ALA A 308 9.60 18.70 3.34
CA ALA A 308 8.20 18.35 3.15
C ALA A 308 7.62 19.18 2.02
N ASP A 309 6.86 18.55 1.15
CA ASP A 309 6.20 19.24 0.04
C ASP A 309 5.11 20.13 0.61
N VAL A 310 5.39 21.43 0.73
CA VAL A 310 4.44 22.37 1.28
C VAL A 310 3.20 22.48 0.40
N ASN A 311 3.33 22.11 -0.88
CA ASN A 311 2.22 22.12 -1.83
C ASN A 311 1.77 20.72 -2.22
N ALA A 312 2.01 19.74 -1.36
CA ALA A 312 1.65 18.36 -1.67
C ALA A 312 0.17 18.26 -2.01
N SER A 313 -0.13 17.46 -3.03
CA SER A 313 -1.47 17.34 -3.58
C SER A 313 -2.10 16.06 -3.04
N ASP A 314 -3.10 16.21 -2.16
CA ASP A 314 -3.88 15.07 -1.74
C ASP A 314 -4.59 14.45 -2.94
N LEU A 315 -5.03 13.20 -2.76
CA LEU A 315 -5.82 12.54 -3.80
C LEU A 315 -6.97 13.40 -4.28
N THR A 316 -7.55 14.21 -3.40
CA THR A 316 -8.59 15.15 -3.77
C THR A 316 -8.03 16.50 -4.22
N GLY A 317 -6.73 16.56 -4.52
CA GLY A 317 -6.09 17.82 -4.84
C GLY A 317 -5.89 18.77 -3.68
N ILE A 318 -6.24 18.34 -2.46
CA ILE A 318 -6.11 19.19 -1.29
C ILE A 318 -4.63 19.35 -0.93
N THR A 319 -4.23 20.60 -0.66
CA THR A 319 -2.89 20.93 -0.22
C THR A 319 -2.85 21.07 1.30
N PRO A 320 -1.66 21.04 1.90
CA PRO A 320 -1.57 21.32 3.34
C PRO A 320 -2.21 22.64 3.73
N LEU A 321 -2.07 23.67 2.89
CA LEU A 321 -2.74 24.94 3.14
C LEU A 321 -4.26 24.77 3.10
N HIS A 322 -4.77 24.08 2.08
CA HIS A 322 -6.20 23.78 2.00
C HIS A 322 -6.71 23.19 3.30
N ALA A 323 -5.93 22.28 3.90
CA ALA A 323 -6.31 21.68 5.17
C ALA A 323 -6.24 22.68 6.31
N ALA A 324 -5.09 23.35 6.46
CA ALA A 324 -4.93 24.30 7.56
C ALA A 324 -5.91 25.45 7.47
N ALA A 325 -6.27 25.86 6.24
CA ALA A 325 -7.24 26.94 6.10
C ALA A 325 -8.61 26.53 6.63
N ALA A 326 -9.06 25.33 6.25
CA ALA A 326 -10.38 24.88 6.70
C ALA A 326 -10.39 24.60 8.20
N THR A 327 -9.31 24.02 8.72
CA THR A 327 -9.21 23.74 10.15
C THR A 327 -8.93 24.98 10.97
N GLY A 328 -8.76 26.14 10.34
CA GLY A 328 -8.60 27.39 11.06
C GLY A 328 -7.29 27.57 11.77
N HIS A 329 -6.23 26.89 11.34
CA HIS A 329 -4.92 27.00 11.97
C HIS A 329 -4.14 28.08 11.23
N LEU A 330 -4.35 29.33 11.65
CA LEU A 330 -3.77 30.46 10.94
C LEU A 330 -2.26 30.44 11.03
N GLU A 331 -1.71 30.11 12.19
CA GLU A 331 -0.27 30.08 12.35
C GLU A 331 0.36 29.11 11.35
N ILE A 332 -0.24 27.94 11.18
CA ILE A 332 0.23 26.99 10.16
C ILE A 332 0.03 27.57 8.77
N VAL A 333 -1.05 28.31 8.56
CA VAL A 333 -1.31 28.95 7.27
C VAL A 333 -0.22 29.94 6.93
N GLU A 334 0.13 30.81 7.88
CA GLU A 334 1.20 31.77 7.65
C GLU A 334 2.52 31.05 7.39
N VAL A 335 2.77 29.95 8.09
CA VAL A 335 4.02 29.20 7.90
C VAL A 335 4.09 28.61 6.51
N LEU A 336 3.03 27.92 6.09
CA LEU A 336 3.01 27.32 4.76
C LEU A 336 3.19 28.38 3.68
N LEU A 337 2.46 29.50 3.82
CA LEU A 337 2.65 30.60 2.88
C LEU A 337 4.07 31.15 2.97
N LYS A 338 4.63 31.20 4.17
CA LYS A 338 6.01 31.67 4.34
C LYS A 338 7.00 30.70 3.71
N HIS A 339 6.75 29.40 3.84
CA HIS A 339 7.62 28.38 3.27
C HIS A 339 7.17 27.95 1.88
N GLY A 340 6.41 28.79 1.18
CA GLY A 340 6.03 28.50 -0.18
C GLY A 340 4.81 27.60 -0.29
N ALA A 341 3.61 28.18 -0.28
CA ALA A 341 2.36 27.46 -0.45
C ALA A 341 1.51 28.16 -1.49
N ASP A 342 0.90 27.38 -2.38
CA ASP A 342 0.07 27.93 -3.43
C ASP A 342 -1.22 28.43 -2.79
N VAL A 343 -1.29 29.74 -2.56
CA VAL A 343 -2.50 30.34 -2.02
C VAL A 343 -3.66 30.18 -3.00
N ASN A 344 -3.37 29.96 -4.29
CA ASN A 344 -4.40 29.86 -5.32
C ASN A 344 -4.48 28.45 -5.92
N ALA A 345 -4.13 27.44 -5.13
CA ALA A 345 -4.28 26.06 -5.59
C ALA A 345 -5.76 25.68 -5.59
N TYR A 346 -6.06 24.60 -6.30
CA TYR A 346 -7.44 24.16 -6.43
C TYR A 346 -7.49 22.65 -6.27
N ASP A 347 -8.48 22.19 -5.51
CA ASP A 347 -8.71 20.76 -5.30
C ASP A 347 -9.43 20.18 -6.51
N ASN A 348 -9.91 18.94 -6.39
CA ASN A 348 -10.62 18.30 -7.50
C ASN A 348 -11.99 18.92 -7.73
N ASP A 349 -12.52 19.67 -6.76
CA ASP A 349 -13.79 20.36 -6.91
C ASP A 349 -13.61 21.83 -7.24
N GLY A 350 -12.40 22.25 -7.62
CA GLY A 350 -12.16 23.63 -7.99
C GLY A 350 -12.20 24.61 -6.84
N HIS A 351 -11.82 24.20 -5.64
CA HIS A 351 -11.88 25.04 -4.46
C HIS A 351 -10.48 25.53 -4.09
N THR A 352 -10.32 26.85 -4.02
CA THR A 352 -9.10 27.45 -3.56
C THR A 352 -9.05 27.42 -2.03
N PRO A 353 -7.87 27.58 -1.44
CA PRO A 353 -7.80 27.68 0.03
C PRO A 353 -8.71 28.74 0.61
N LEU A 354 -8.88 29.86 -0.09
CA LEU A 354 -9.80 30.89 0.35
C LEU A 354 -11.24 30.38 0.36
N HIS A 355 -11.63 29.65 -0.69
CA HIS A 355 -12.98 29.07 -0.72
C HIS A 355 -13.20 28.17 0.48
N LEU A 356 -12.25 27.27 0.74
CA LEU A 356 -12.36 26.40 1.91
C LEU A 356 -12.39 27.22 3.20
N ALA A 357 -11.59 28.28 3.26
CA ALA A 357 -11.62 29.16 4.43
C ALA A 357 -12.99 29.81 4.56
N ALA A 358 -13.49 30.42 3.48
CA ALA A 358 -14.78 31.10 3.54
C ALA A 358 -15.92 30.15 3.84
N LYS A 359 -15.80 28.89 3.44
CA LYS A 359 -16.86 27.92 3.72
C LYS A 359 -16.99 27.67 5.22
N TYR A 360 -15.89 27.71 5.96
CA TYR A 360 -15.91 27.49 7.41
C TYR A 360 -15.65 28.78 8.19
N GLY A 361 -16.00 29.93 7.61
CA GLY A 361 -15.74 31.20 8.25
C GLY A 361 -14.27 31.57 8.16
N HIS A 362 -13.56 31.46 9.29
CA HIS A 362 -12.11 31.70 9.38
C HIS A 362 -11.71 32.96 8.61
N LEU A 363 -12.46 34.03 8.83
CA LEU A 363 -12.19 35.28 8.12
C LEU A 363 -10.76 35.74 8.37
N GLU A 364 -10.22 35.48 9.56
CA GLU A 364 -8.83 35.80 9.85
C GLU A 364 -7.90 35.05 8.91
N ILE A 365 -8.12 33.74 8.76
CA ILE A 365 -7.34 32.96 7.81
C ILE A 365 -7.59 33.45 6.39
N VAL A 366 -8.83 33.83 6.09
CA VAL A 366 -9.15 34.35 4.76
C VAL A 366 -8.36 35.63 4.50
N GLU A 367 -8.21 36.48 5.53
CA GLU A 367 -7.43 37.69 5.36
C GLU A 367 -5.97 37.38 5.05
N VAL A 368 -5.40 36.42 5.77
CA VAL A 368 -4.00 36.06 5.53
C VAL A 368 -3.82 35.56 4.10
N LEU A 369 -4.77 34.73 3.63
CA LEU A 369 -4.70 34.25 2.25
C LEU A 369 -4.79 35.40 1.27
N LEU A 370 -5.71 36.34 1.51
CA LEU A 370 -5.81 37.50 0.64
C LEU A 370 -4.53 38.34 0.70
N LYS A 371 -3.96 38.49 1.90
CA LYS A 371 -2.72 39.25 2.04
C LYS A 371 -1.54 38.55 1.37
N HIS A 372 -1.69 37.26 1.04
CA HIS A 372 -0.66 36.52 0.32
C HIS A 372 -1.04 36.29 -1.15
N GLY A 373 -2.07 36.96 -1.64
CA GLY A 373 -2.41 36.89 -3.05
C GLY A 373 -3.47 35.88 -3.43
N ALA A 374 -4.57 35.83 -2.67
CA ALA A 374 -5.66 34.91 -2.96
C ALA A 374 -6.50 35.44 -4.12
N ASP A 375 -6.99 34.52 -4.95
CA ASP A 375 -7.81 34.90 -6.09
C ASP A 375 -9.24 35.20 -5.63
N VAL A 376 -9.74 36.39 -5.97
CA VAL A 376 -11.10 36.76 -5.61
C VAL A 376 -12.11 35.88 -6.33
N ASN A 377 -11.82 35.48 -7.57
CA ASN A 377 -12.65 34.55 -8.31
C ASN A 377 -12.30 33.14 -7.85
N ALA A 378 -13.09 32.61 -6.90
CA ALA A 378 -12.81 31.28 -6.37
C ALA A 378 -12.95 30.19 -7.42
N GLN A 379 -13.61 30.48 -8.54
CA GLN A 379 -13.71 29.56 -9.68
C GLN A 379 -14.16 28.17 -9.22
N ASP A 380 -15.14 28.13 -8.34
CA ASP A 380 -15.69 26.87 -7.85
C ASP A 380 -16.22 26.05 -9.01
N LYS A 381 -16.34 24.73 -8.79
CA LYS A 381 -16.93 23.84 -9.79
C LYS A 381 -18.35 24.26 -10.15
N PHE A 382 -19.01 25.00 -9.26
CA PHE A 382 -20.29 25.63 -9.56
C PHE A 382 -20.14 27.10 -9.91
N GLY A 383 -18.92 27.54 -10.25
CA GLY A 383 -18.68 28.92 -10.59
C GLY A 383 -18.70 29.89 -9.43
N LYS A 384 -18.90 29.41 -8.21
CA LYS A 384 -19.02 30.29 -7.06
C LYS A 384 -17.69 30.94 -6.72
N THR A 385 -17.75 32.19 -6.30
CA THR A 385 -16.58 32.90 -5.82
C THR A 385 -16.49 32.75 -4.30
N ALA A 386 -15.41 33.27 -3.72
CA ALA A 386 -15.25 33.20 -2.28
C ALA A 386 -16.34 33.99 -1.57
N PHE A 387 -16.65 35.19 -2.08
CA PHE A 387 -17.72 35.98 -1.47
C PHE A 387 -19.06 35.27 -1.56
N ASP A 388 -19.30 34.59 -2.68
CA ASP A 388 -20.55 33.83 -2.82
C ASP A 388 -20.66 32.77 -1.73
N ILE A 389 -19.54 32.14 -1.38
CA ILE A 389 -19.57 31.13 -0.31
C ILE A 389 -19.90 31.80 1.03
N SER A 390 -19.35 33.00 1.25
CA SER A 390 -19.64 33.70 2.50
C SER A 390 -21.08 34.18 2.56
N ILE A 391 -21.70 34.45 1.41
CA ILE A 391 -23.09 34.87 1.40
C ILE A 391 -24.01 33.70 1.74
N ASP A 392 -23.73 32.53 1.17
CA ASP A 392 -24.55 31.35 1.49
C ASP A 392 -24.42 30.93 2.94
N ASN A 393 -23.24 31.12 3.54
CA ASN A 393 -23.03 30.83 4.95
C ASN A 393 -23.53 31.94 5.87
N GLY A 394 -24.02 33.04 5.31
CA GLY A 394 -24.52 34.13 6.14
C GLY A 394 -23.47 34.83 6.96
N ASN A 395 -22.21 34.80 6.53
CA ASN A 395 -21.11 35.45 7.23
C ASN A 395 -20.88 36.81 6.58
N GLU A 396 -21.57 37.82 7.11
CA GLU A 396 -21.47 39.16 6.54
C GLU A 396 -20.07 39.74 6.69
N ASP A 397 -19.36 39.39 7.76
CA ASP A 397 -18.00 39.88 7.94
C ASP A 397 -17.09 39.37 6.84
N LEU A 398 -17.16 38.06 6.54
CA LEU A 398 -16.40 37.52 5.42
C LEU A 398 -16.88 38.09 4.10
N ALA A 399 -18.19 38.35 3.97
CA ALA A 399 -18.70 39.00 2.78
C ALA A 399 -18.13 40.40 2.64
N GLU A 400 -18.02 41.14 3.74
CA GLU A 400 -17.35 42.44 3.70
C GLU A 400 -15.86 42.24 3.47
N ILE A 401 -15.51 41.76 2.28
CA ILE A 401 -14.11 41.51 1.96
C ILE A 401 -13.32 42.81 2.01
N LEU A 402 -13.97 43.91 1.64
CA LEU A 402 -13.32 45.22 1.63
C LEU A 402 -14.25 46.25 2.25
S SO4 B . -5.11 -42.25 13.26
O1 SO4 B . -3.99 -41.99 12.36
O2 SO4 B . -4.67 -42.04 14.64
O3 SO4 B . -6.20 -41.35 12.95
O4 SO4 B . -5.56 -43.63 13.10
S SO4 C . 8.62 13.15 -18.91
O1 SO4 C . 9.12 14.43 -19.44
O2 SO4 C . 7.96 13.40 -17.63
O3 SO4 C . 7.68 12.60 -19.88
O4 SO4 C . 9.71 12.21 -18.74
S SO4 D . -4.85 -23.58 11.67
O1 SO4 D . -4.80 -22.17 11.24
O2 SO4 D . -3.48 -24.06 11.93
O3 SO4 D . -5.66 -23.70 12.90
O4 SO4 D . -5.46 -24.40 10.59
#